data_2YCX
#
_entry.id   2YCX
#
_cell.length_a   150.029
_cell.length_b   56.434
_cell.length_c   111.410
_cell.angle_alpha   90.00
_cell.angle_beta   118.33
_cell.angle_gamma   90.00
#
_symmetry.space_group_name_H-M   'C 1 2 1'
#
loop_
_entity.id
_entity.type
_entity.pdbx_description
1 polymer 'BETA-1 ADRENERGIC RECEPTOR'
2 non-polymer Cyanopindolol
3 non-polymer 'octyl 1-thio-beta-D-glucopyranoside'
#
_entity_poly.entity_id   1
_entity_poly.type   'polypeptide(L)'
_entity_poly.pdbx_seq_one_letter_code
;MGAELLSQQWEAGMSLLMALVVLLIVAGNVLVIAAIGSTQRLQTLTNLFITSLACADLVVGLLVVPFGATLVVRGTWLWG
SFLCELWTSLDVLCVTASIETLCVIAIDRYLAITSPFRYQSLMTRARAKVIICTVWAISALVSFLPIMMHWWRDEDPQAL
KCYQDPGCCDFVTNRAYAIASSIISFYIPLLIMIFVALRVYREAKEQIRKIDRASKRKRVMLMREHKALKTLGIIMGVFT
LCWLPFFLVNIVNVFNRDLVPDWLFVAFNWLGYANSAMNPIIYCRSPDFRKAFKRLLAFPRKADRRLHHHHHH
;
_entity_poly.pdbx_strand_id   A,B
#
loop_
_chem_comp.id
_chem_comp.type
_chem_comp.name
_chem_comp.formula
P32 non-polymer Cyanopindolol 'C16 H21 N3 O2'
SOG D-saccharide 'octyl 1-thio-beta-D-glucopyranoside' 'C14 H28 O5 S'
#
# COMPACT_ATOMS: atom_id res chain seq x y z
N GLN A 9 19.54 42.55 3.57
CA GLN A 9 18.50 42.48 4.65
C GLN A 9 17.10 42.32 4.04
N TRP A 10 16.98 41.33 3.16
CA TRP A 10 15.69 40.86 2.66
C TRP A 10 15.14 39.72 3.55
N GLU A 11 16.00 39.25 4.46
CA GLU A 11 15.67 38.25 5.49
C GLU A 11 14.56 38.69 6.46
N ALA A 12 14.48 40.00 6.75
CA ALA A 12 13.49 40.56 7.68
C ALA A 12 12.04 40.45 7.16
N GLY A 13 11.82 40.88 5.91
CA GLY A 13 10.51 40.78 5.25
C GLY A 13 10.05 39.33 5.04
N MET A 14 11.05 38.47 4.79
CA MET A 14 10.79 37.04 4.64
C MET A 14 10.32 36.37 5.94
N SER A 15 11.08 36.59 7.03
CA SER A 15 10.67 36.21 8.39
C SER A 15 9.25 36.70 8.72
N LEU A 16 8.95 37.95 8.36
CA LEU A 16 7.58 38.49 8.46
C LEU A 16 6.55 37.57 7.78
N LEU A 17 6.63 37.45 6.45
CA LEU A 17 5.60 36.71 5.68
C LEU A 17 5.42 35.25 6.14
N MET A 18 6.54 34.61 6.46
CA MET A 18 6.52 33.23 6.94
C MET A 18 5.88 33.09 8.31
N ALA A 19 6.08 34.08 9.18
CA ALA A 19 5.40 34.13 10.49
C ALA A 19 3.90 34.34 10.30
N LEU A 20 3.53 35.04 9.23
CA LEU A 20 2.12 35.20 8.88
C LEU A 20 1.45 33.90 8.45
N VAL A 21 2.03 33.19 7.50
CA VAL A 21 1.47 31.89 7.08
C VAL A 21 1.47 30.86 8.22
N VAL A 22 2.48 30.92 9.08
CA VAL A 22 2.52 30.13 10.32
C VAL A 22 1.31 30.48 11.19
N LEU A 23 0.97 31.76 11.26
CA LEU A 23 -0.22 32.18 11.96
C LEU A 23 -1.46 31.49 11.36
N LEU A 24 -1.73 31.73 10.09
CA LEU A 24 -2.91 31.16 9.43
C LEU A 24 -3.05 29.67 9.74
N ILE A 25 -1.97 28.91 9.57
CA ILE A 25 -2.02 27.45 9.77
C ILE A 25 -2.30 27.04 11.23
N VAL A 26 -1.53 27.59 12.15
CA VAL A 26 -1.59 27.16 13.55
C VAL A 26 -2.93 27.55 14.19
N ALA A 27 -3.32 28.80 13.99
CA ALA A 27 -4.58 29.34 14.47
C ALA A 27 -5.77 28.60 13.87
N GLY A 28 -5.81 28.49 12.54
CA GLY A 28 -6.91 27.81 11.86
C GLY A 28 -7.11 26.39 12.36
N ASN A 29 -6.01 25.64 12.40
CA ASN A 29 -6.07 24.22 12.75
C ASN A 29 -6.35 23.94 14.22
N VAL A 30 -5.87 24.80 15.11
CA VAL A 30 -6.16 24.67 16.54
C VAL A 30 -7.62 25.03 16.80
N LEU A 31 -8.14 25.94 15.98
CA LEU A 31 -9.54 26.36 16.01
C LEU A 31 -10.43 25.21 15.63
N VAL A 32 -10.04 24.47 14.59
CA VAL A 32 -10.75 23.26 14.17
C VAL A 32 -10.70 22.14 15.23
N ILE A 33 -9.53 21.90 15.81
CA ILE A 33 -9.35 20.82 16.79
C ILE A 33 -10.07 21.11 18.11
N ALA A 34 -10.27 22.40 18.40
CA ALA A 34 -10.88 22.84 19.64
C ALA A 34 -12.40 23.00 19.53
N ALA A 35 -12.87 23.33 18.32
CA ALA A 35 -14.29 23.44 18.03
C ALA A 35 -14.95 22.07 18.10
N ILE A 36 -14.34 21.10 17.41
CA ILE A 36 -14.80 19.71 17.49
C ILE A 36 -14.51 19.16 18.89
N GLY A 37 -13.52 19.75 19.57
CA GLY A 37 -13.24 19.43 20.96
C GLY A 37 -14.36 19.83 21.92
N SER A 38 -15.00 20.97 21.66
CA SER A 38 -16.10 21.48 22.48
C SER A 38 -17.45 20.90 22.06
N THR A 39 -18.06 21.48 21.01
CA THR A 39 -19.38 21.05 20.52
C THR A 39 -19.43 19.54 20.19
N GLN A 40 -20.16 18.80 21.03
CA GLN A 40 -20.44 17.37 20.82
C GLN A 40 -21.48 17.22 19.71
N ARG A 41 -22.32 18.25 19.58
CA ARG A 41 -23.23 18.42 18.44
C ARG A 41 -22.43 18.35 17.13
N LEU A 42 -21.16 18.77 17.19
CA LEU A 42 -20.25 18.79 16.03
C LEU A 42 -19.43 17.50 15.86
N GLN A 43 -19.30 16.72 16.92
CA GLN A 43 -18.48 15.50 16.91
C GLN A 43 -19.03 14.38 16.01
N THR A 44 -19.44 14.74 14.79
CA THR A 44 -19.82 13.76 13.76
C THR A 44 -18.60 12.95 13.34
N LEU A 45 -18.80 11.80 12.72
CA LEU A 45 -17.70 10.95 12.25
C LEU A 45 -16.71 11.69 11.31
N THR A 46 -17.27 12.18 10.21
CA THR A 46 -16.53 12.91 9.19
C THR A 46 -15.82 14.10 9.82
N ASN A 47 -16.43 14.73 10.82
CA ASN A 47 -15.72 15.77 11.58
C ASN A 47 -14.50 15.28 12.36
N LEU A 48 -14.54 14.05 12.84
CA LEU A 48 -13.40 13.47 13.55
C LEU A 48 -12.24 13.16 12.61
N PHE A 49 -12.59 12.69 11.41
CA PHE A 49 -11.56 12.55 10.37
C PHE A 49 -10.93 13.90 9.98
N ILE A 50 -11.77 14.92 9.85
CA ILE A 50 -11.29 16.28 9.70
C ILE A 50 -10.40 16.68 10.89
N THR A 51 -10.56 16.02 12.02
CA THR A 51 -9.63 16.28 13.12
C THR A 51 -8.28 15.69 12.78
N SER A 52 -8.25 14.41 12.43
CA SER A 52 -6.99 13.78 12.00
C SER A 52 -6.22 14.73 11.08
N LEU A 53 -6.92 15.18 10.04
CA LEU A 53 -6.40 16.11 9.04
C LEU A 53 -5.85 17.44 9.62
N ALA A 54 -6.58 17.99 10.58
CA ALA A 54 -6.22 19.24 11.20
C ALA A 54 -4.99 19.09 12.10
N CYS A 55 -4.71 17.87 12.56
CA CYS A 55 -3.57 17.58 13.43
C CYS A 55 -2.34 17.37 12.57
N ALA A 56 -2.49 16.65 11.46
CA ALA A 56 -1.44 16.64 10.46
C ALA A 56 -1.03 18.07 10.10
N ASP A 57 -1.95 18.85 9.54
CA ASP A 57 -1.62 20.22 9.08
C ASP A 57 -1.15 21.13 10.19
N LEU A 58 -1.58 20.84 11.40
CA LEU A 58 -1.08 21.58 12.54
C LEU A 58 0.39 21.32 12.66
N VAL A 59 0.80 20.05 12.70
CA VAL A 59 2.20 19.69 12.77
C VAL A 59 2.99 20.36 11.64
N VAL A 60 2.46 20.34 10.41
CA VAL A 60 3.13 21.01 9.30
C VAL A 60 3.45 22.47 9.63
N GLY A 61 2.42 23.21 10.00
CA GLY A 61 2.58 24.64 10.26
C GLY A 61 3.30 24.99 11.53
N LEU A 62 3.59 23.97 12.35
CA LEU A 62 4.24 24.15 13.66
C LEU A 62 5.75 23.86 13.60
N LEU A 63 6.13 22.89 12.77
CA LEU A 63 7.52 22.47 12.65
C LEU A 63 7.93 22.48 11.20
N VAL A 64 7.24 21.68 10.37
CA VAL A 64 7.73 21.45 9.02
C VAL A 64 7.98 22.79 8.35
N VAL A 65 7.05 23.72 8.48
CA VAL A 65 7.14 25.01 7.82
C VAL A 65 8.10 26.03 8.45
N PRO A 66 8.16 26.11 9.80
CA PRO A 66 9.19 27.00 10.36
C PRO A 66 10.65 26.57 10.07
N PHE A 67 10.96 25.32 10.39
CA PHE A 67 12.29 24.78 10.11
C PHE A 67 12.63 24.83 8.62
N GLY A 68 11.66 24.48 7.78
CA GLY A 68 11.80 24.58 6.32
C GLY A 68 11.92 26.01 5.82
N ALA A 69 11.53 26.97 6.66
CA ALA A 69 11.63 28.39 6.32
C ALA A 69 13.04 28.93 6.63
N THR A 70 13.62 28.49 7.76
CA THR A 70 15.03 28.84 8.03
C THR A 70 15.91 28.49 6.82
N LEU A 71 15.80 27.25 6.35
CA LEU A 71 16.59 26.70 5.24
C LEU A 71 16.48 27.50 3.94
N VAL A 72 15.27 27.97 3.63
CA VAL A 72 15.06 28.78 2.42
C VAL A 72 15.70 30.17 2.61
N VAL A 73 15.51 30.75 3.79
CA VAL A 73 16.07 32.05 4.13
C VAL A 73 17.62 32.03 4.20
N ARG A 74 18.17 31.05 4.92
CA ARG A 74 19.61 31.01 5.22
C ARG A 74 20.46 30.16 4.26
N GLY A 75 19.86 29.68 3.16
CA GLY A 75 20.52 28.74 2.24
C GLY A 75 21.12 27.45 2.83
N THR A 76 21.06 27.28 4.16
CA THR A 76 21.68 26.12 4.83
C THR A 76 20.99 25.68 6.14
N TRP A 77 21.35 24.48 6.63
CA TRP A 77 20.70 23.85 7.79
C TRP A 77 21.48 24.09 9.07
N LEU A 78 20.82 24.77 10.01
CA LEU A 78 21.48 25.30 11.19
C LEU A 78 21.14 24.48 12.42
N TRP A 79 20.67 23.26 12.21
CA TRP A 79 20.18 22.45 13.34
C TRP A 79 20.80 21.05 13.34
N GLY A 80 21.74 20.82 12.43
CA GLY A 80 22.53 19.57 12.41
C GLY A 80 21.85 18.30 11.90
N SER A 81 22.70 17.30 11.62
CA SER A 81 22.35 16.07 10.88
C SER A 81 21.11 15.30 11.36
N PHE A 82 21.00 15.12 12.68
CA PHE A 82 19.91 14.34 13.21
C PHE A 82 18.58 15.06 13.12
N LEU A 83 18.52 16.28 13.64
CA LEU A 83 17.29 17.05 13.52
C LEU A 83 16.88 17.22 12.06
N CYS A 84 17.85 17.26 11.15
CA CYS A 84 17.56 17.29 9.72
C CYS A 84 16.80 16.03 9.32
N GLU A 85 17.40 14.89 9.64
CA GLU A 85 16.82 13.61 9.29
C GLU A 85 15.37 13.47 9.80
N LEU A 86 15.17 13.81 11.07
CA LEU A 86 13.90 13.77 11.78
C LEU A 86 12.86 14.66 11.13
N TRP A 87 13.17 15.95 11.00
CA TRP A 87 12.34 16.93 10.32
C TRP A 87 11.86 16.48 8.93
N THR A 88 12.77 15.93 8.13
CA THR A 88 12.33 15.30 6.90
C THR A 88 11.28 14.22 7.20
N SER A 89 11.58 13.32 8.14
CA SER A 89 10.65 12.23 8.48
C SER A 89 9.25 12.72 8.84
N LEU A 90 9.17 13.90 9.45
CA LEU A 90 7.93 14.49 9.91
C LEU A 90 7.17 15.15 8.78
N ASP A 91 7.89 15.76 7.83
CA ASP A 91 7.27 16.25 6.60
C ASP A 91 6.58 15.11 5.85
N VAL A 92 7.39 14.09 5.55
CA VAL A 92 6.92 12.88 4.89
C VAL A 92 5.67 12.31 5.58
N LEU A 93 5.78 12.09 6.89
CA LEU A 93 4.70 11.57 7.69
C LEU A 93 3.43 12.41 7.56
N CYS A 94 3.55 13.73 7.67
CA CYS A 94 2.41 14.61 7.57
C CYS A 94 1.70 14.43 6.26
N VAL A 95 2.43 14.40 5.15
CA VAL A 95 1.72 14.23 3.87
C VAL A 95 1.04 12.86 3.74
N THR A 96 1.76 11.79 4.09
CA THR A 96 1.23 10.41 4.05
C THR A 96 -0.07 10.27 4.87
N ALA A 97 -0.09 10.90 6.02
CA ALA A 97 -1.24 10.93 6.92
C ALA A 97 -2.39 11.69 6.27
N SER A 98 -2.16 12.94 5.86
CA SER A 98 -3.15 13.72 5.11
C SER A 98 -3.85 12.88 4.05
N ILE A 99 -3.07 12.31 3.14
CA ILE A 99 -3.67 11.57 2.02
C ILE A 99 -4.37 10.26 2.43
N GLU A 100 -3.87 9.57 3.45
CA GLU A 100 -4.53 8.34 3.90
C GLU A 100 -5.88 8.63 4.57
N THR A 101 -5.94 9.73 5.33
CA THR A 101 -7.15 10.22 5.99
C THR A 101 -8.17 10.68 4.97
N LEU A 102 -7.75 11.37 3.90
CA LEU A 102 -8.66 11.74 2.79
C LEU A 102 -9.24 10.52 2.09
N CYS A 103 -8.38 9.56 1.77
CA CYS A 103 -8.80 8.28 1.24
C CYS A 103 -9.90 7.65 2.09
N VAL A 104 -9.64 7.56 3.39
CA VAL A 104 -10.57 6.95 4.32
C VAL A 104 -11.88 7.70 4.33
N ILE A 105 -11.83 9.02 4.22
CA ILE A 105 -13.02 9.89 4.25
C ILE A 105 -13.90 9.60 3.05
N ALA A 106 -13.28 9.49 1.89
CA ALA A 106 -13.99 9.08 0.70
C ALA A 106 -14.66 7.72 0.90
N ILE A 107 -13.94 6.72 1.40
CA ILE A 107 -14.54 5.38 1.59
C ILE A 107 -15.75 5.40 2.52
N ASP A 108 -15.56 5.92 3.73
CA ASP A 108 -16.60 6.23 4.70
C ASP A 108 -17.84 6.85 4.06
N ARG A 109 -17.65 7.86 3.22
CA ARG A 109 -18.77 8.47 2.49
C ARG A 109 -19.49 7.49 1.61
N TYR A 110 -18.75 6.78 0.76
CA TYR A 110 -19.35 5.77 -0.13
C TYR A 110 -20.22 4.77 0.61
N LEU A 111 -19.72 4.22 1.73
CA LEU A 111 -20.46 3.27 2.55
C LEU A 111 -21.69 3.92 3.19
N ALA A 112 -21.50 5.10 3.77
CA ALA A 112 -22.58 5.86 4.42
C ALA A 112 -23.63 6.40 3.44
N ILE A 113 -23.53 5.97 2.19
CA ILE A 113 -24.48 6.32 1.17
C ILE A 113 -25.10 5.01 0.63
N THR A 114 -24.25 4.04 0.31
CA THR A 114 -24.69 2.80 -0.30
C THR A 114 -25.36 1.87 0.69
N SER A 115 -24.82 1.80 1.91
CA SER A 115 -25.41 0.92 2.94
C SER A 115 -25.80 1.69 4.20
N PRO A 116 -26.70 2.69 4.08
CA PRO A 116 -27.02 3.57 5.21
C PRO A 116 -27.47 2.78 6.43
N PHE A 117 -28.34 1.77 6.23
CA PHE A 117 -28.80 0.94 7.34
C PHE A 117 -27.63 0.34 8.13
N ARG A 118 -26.88 -0.58 7.49
CA ARG A 118 -25.69 -1.21 8.09
C ARG A 118 -24.76 -0.19 8.76
N TYR A 119 -24.60 0.97 8.12
CA TYR A 119 -23.67 2.02 8.57
C TYR A 119 -23.87 2.45 10.03
N GLN A 120 -25.09 2.81 10.42
CA GLN A 120 -25.35 3.34 11.77
C GLN A 120 -25.23 2.28 12.88
N SER A 121 -25.42 1.01 12.51
CA SER A 121 -25.25 -0.10 13.45
C SER A 121 -23.77 -0.38 13.80
N LEU A 122 -22.90 -0.35 12.79
CA LEU A 122 -21.48 -0.69 12.96
C LEU A 122 -20.58 0.49 13.35
N MET A 123 -20.57 1.53 12.50
CA MET A 123 -19.74 2.72 12.70
C MET A 123 -20.20 3.57 13.89
N THR A 124 -19.28 3.79 14.84
CA THR A 124 -19.50 4.63 16.02
C THR A 124 -18.35 5.64 16.16
N ARG A 125 -18.37 6.49 17.19
CA ARG A 125 -17.25 7.42 17.42
C ARG A 125 -15.96 6.71 17.82
N ALA A 126 -16.08 5.69 18.67
CA ALA A 126 -14.93 4.93 19.14
C ALA A 126 -14.26 4.16 17.99
N ARG A 127 -15.08 3.61 17.09
CA ARG A 127 -14.57 2.94 15.89
C ARG A 127 -13.89 3.93 14.92
N ALA A 128 -14.39 5.17 14.89
CA ALA A 128 -13.76 6.24 14.11
C ALA A 128 -12.37 6.53 14.66
N LYS A 129 -12.23 6.62 15.98
CA LYS A 129 -10.94 6.84 16.62
C LYS A 129 -9.95 5.69 16.36
N VAL A 130 -10.38 4.43 16.56
CA VAL A 130 -9.50 3.30 16.20
C VAL A 130 -9.02 3.48 14.76
N ILE A 131 -9.94 3.72 13.82
CA ILE A 131 -9.58 3.93 12.41
C ILE A 131 -8.50 5.01 12.21
N ILE A 132 -8.68 6.21 12.80
CA ILE A 132 -7.71 7.31 12.71
C ILE A 132 -6.34 6.89 13.20
N CYS A 133 -6.32 6.18 14.33
CA CYS A 133 -5.08 5.63 14.85
C CYS A 133 -4.40 4.74 13.83
N THR A 134 -5.03 3.62 13.49
CA THR A 134 -4.49 2.69 12.50
C THR A 134 -3.95 3.39 11.26
N VAL A 135 -4.63 4.45 10.81
CA VAL A 135 -4.16 5.31 9.71
C VAL A 135 -2.82 5.94 10.03
N TRP A 136 -2.70 6.58 11.19
CA TRP A 136 -1.41 7.15 11.60
C TRP A 136 -0.30 6.12 11.78
N ALA A 137 -0.67 4.88 12.09
CA ALA A 137 0.27 3.80 12.30
C ALA A 137 0.85 3.34 10.98
N ILE A 138 -0.03 3.08 10.02
CA ILE A 138 0.35 2.81 8.64
C ILE A 138 1.18 3.97 8.09
N SER A 139 0.66 5.19 8.23
CA SER A 139 1.37 6.36 7.77
C SER A 139 2.80 6.35 8.30
N ALA A 140 2.97 6.14 9.61
CA ALA A 140 4.31 6.09 10.22
C ALA A 140 5.11 4.81 9.89
N LEU A 141 4.45 3.67 9.70
CA LEU A 141 5.14 2.48 9.22
C LEU A 141 5.74 2.76 7.84
N VAL A 142 4.90 3.27 6.93
CA VAL A 142 5.31 3.44 5.53
C VAL A 142 6.27 4.59 5.32
N SER A 143 6.07 5.67 6.07
CA SER A 143 6.90 6.84 5.84
C SER A 143 8.15 6.84 6.71
N PHE A 144 7.94 6.70 8.02
CA PHE A 144 8.97 6.94 9.04
C PHE A 144 10.14 5.97 9.11
N LEU A 145 9.89 4.68 8.84
CA LEU A 145 10.91 3.63 9.00
C LEU A 145 11.89 3.50 7.84
N PRO A 146 11.42 3.63 6.59
CA PRO A 146 12.35 3.62 5.47
C PRO A 146 13.48 4.65 5.62
N ILE A 147 13.16 5.80 6.21
CA ILE A 147 14.13 6.88 6.40
C ILE A 147 15.18 6.51 7.45
N MET A 148 14.70 5.89 8.52
CA MET A 148 15.53 5.59 9.68
C MET A 148 16.37 4.33 9.49
N MET A 149 15.95 3.45 8.58
CA MET A 149 16.78 2.30 8.18
C MET A 149 17.67 2.66 6.97
N HIS A 150 17.62 3.93 6.58
CA HIS A 150 18.50 4.51 5.59
C HIS A 150 18.27 3.98 4.18
N TRP A 151 17.11 3.37 3.96
CA TRP A 151 16.75 2.80 2.65
C TRP A 151 16.75 3.85 1.54
N TRP A 152 16.87 5.11 1.95
CA TRP A 152 16.74 6.22 1.05
C TRP A 152 18.06 6.79 0.56
N ARG A 153 19.18 6.28 1.07
CA ARG A 153 20.49 6.87 0.75
C ARG A 153 21.03 6.48 -0.62
N ASP A 154 21.61 7.47 -1.30
CA ASP A 154 22.09 7.31 -2.70
C ASP A 154 23.61 7.11 -2.79
N GLU A 155 24.00 6.25 -3.73
CA GLU A 155 25.39 5.80 -3.95
C GLU A 155 26.34 6.90 -4.45
N ASP A 156 25.88 7.66 -5.45
CA ASP A 156 26.56 8.83 -6.01
C ASP A 156 27.32 9.69 -5.00
N PRO A 157 28.52 10.21 -5.40
CA PRO A 157 29.38 11.08 -4.62
C PRO A 157 28.69 12.28 -3.96
N GLN A 158 28.20 13.22 -4.77
CA GLN A 158 27.62 14.46 -4.23
C GLN A 158 26.58 14.20 -3.16
N ALA A 159 25.88 13.08 -3.30
CA ALA A 159 24.90 12.66 -2.30
C ALA A 159 25.57 12.53 -0.94
N LEU A 160 26.62 11.70 -0.89
CA LEU A 160 27.37 11.41 0.34
C LEU A 160 27.95 12.67 0.95
N LYS A 161 28.39 13.57 0.08
CA LYS A 161 28.87 14.91 0.43
C LYS A 161 27.82 15.65 1.26
N CYS A 162 26.55 15.44 0.92
CA CYS A 162 25.43 16.05 1.62
C CYS A 162 25.12 15.35 2.97
N TYR A 163 25.37 14.04 3.02
CA TYR A 163 25.16 13.29 4.24
C TYR A 163 26.24 13.69 5.23
N GLN A 164 27.47 13.81 4.74
CA GLN A 164 28.62 14.28 5.51
C GLN A 164 28.46 15.72 6.04
N ASP A 165 27.65 16.53 5.35
CA ASP A 165 27.46 17.93 5.71
C ASP A 165 26.22 18.08 6.60
N PRO A 166 26.41 18.61 7.83
CA PRO A 166 25.30 18.88 8.77
C PRO A 166 24.43 20.07 8.33
N GLY A 167 25.00 20.96 7.53
CA GLY A 167 24.26 22.06 6.94
C GLY A 167 23.57 21.65 5.65
N CYS A 168 23.88 20.44 5.18
CA CYS A 168 23.16 19.89 4.04
C CYS A 168 22.02 19.00 4.49
N CYS A 169 20.81 19.42 4.09
CA CYS A 169 19.55 18.81 4.51
C CYS A 169 18.60 18.57 3.34
N ASP A 170 19.16 18.50 2.14
CA ASP A 170 18.40 18.24 0.91
C ASP A 170 18.04 16.76 0.79
N PHE A 171 16.78 16.48 0.49
CA PHE A 171 16.30 15.10 0.44
C PHE A 171 16.81 14.41 -0.84
N VAL A 172 18.06 13.96 -0.79
CA VAL A 172 18.67 13.36 -1.96
C VAL A 172 18.61 11.85 -1.78
N THR A 173 17.75 11.20 -2.57
CA THR A 173 17.45 9.78 -2.40
C THR A 173 17.70 8.95 -3.64
N ASN A 174 17.96 7.65 -3.43
CA ASN A 174 18.14 6.73 -4.55
C ASN A 174 16.82 6.54 -5.28
N ARG A 175 16.88 6.10 -6.54
CA ARG A 175 15.70 6.10 -7.41
C ARG A 175 14.63 5.04 -7.09
N ALA A 176 15.07 3.87 -6.63
CA ALA A 176 14.13 2.85 -6.19
C ALA A 176 13.28 3.36 -5.03
N TYR A 177 13.88 4.16 -4.13
CA TYR A 177 13.15 4.77 -3.02
C TYR A 177 12.31 5.94 -3.47
N ALA A 178 12.80 6.74 -4.40
CA ALA A 178 11.95 7.80 -4.93
C ALA A 178 10.63 7.21 -5.43
N ILE A 179 10.74 6.17 -6.26
CA ILE A 179 9.57 5.51 -6.86
C ILE A 179 8.65 4.80 -5.86
N ALA A 180 9.23 3.92 -5.03
CA ALA A 180 8.44 3.05 -4.16
C ALA A 180 7.81 3.87 -3.05
N SER A 181 8.62 4.79 -2.53
CA SER A 181 8.18 5.73 -1.53
C SER A 181 7.05 6.63 -2.02
N SER A 182 7.17 7.20 -3.21
CA SER A 182 6.11 8.12 -3.66
C SER A 182 4.83 7.39 -4.03
N ILE A 183 4.96 6.18 -4.58
CA ILE A 183 3.80 5.31 -4.84
C ILE A 183 3.04 5.00 -3.55
N ILE A 184 3.78 4.52 -2.55
CA ILE A 184 3.22 4.00 -1.30
C ILE A 184 2.67 5.07 -0.40
N SER A 185 3.35 6.21 -0.35
CA SER A 185 2.94 7.27 0.54
C SER A 185 1.88 8.11 -0.11
N PHE A 186 1.85 8.12 -1.45
CA PHE A 186 1.03 9.09 -2.16
C PHE A 186 0.19 8.54 -3.30
N TYR A 187 0.80 7.92 -4.29
CA TYR A 187 0.02 7.59 -5.48
C TYR A 187 -1.10 6.57 -5.23
N ILE A 188 -0.84 5.53 -4.43
CA ILE A 188 -1.87 4.56 -4.07
C ILE A 188 -3.04 5.23 -3.34
N PRO A 189 -2.77 5.90 -2.20
CA PRO A 189 -3.84 6.59 -1.44
C PRO A 189 -4.64 7.58 -2.29
N LEU A 190 -3.95 8.30 -3.18
CA LEU A 190 -4.57 9.24 -4.07
C LEU A 190 -5.54 8.50 -4.95
N LEU A 191 -5.04 7.64 -5.83
CA LEU A 191 -5.88 6.86 -6.75
C LEU A 191 -7.11 6.27 -6.10
N ILE A 192 -6.92 5.51 -5.02
CA ILE A 192 -8.08 4.97 -4.33
C ILE A 192 -9.06 6.11 -3.96
N MET A 193 -8.54 7.22 -3.45
CA MET A 193 -9.38 8.35 -3.03
C MET A 193 -10.19 8.99 -4.16
N ILE A 194 -9.61 9.05 -5.36
CA ILE A 194 -10.23 9.63 -6.54
C ILE A 194 -11.30 8.70 -7.12
N PHE A 195 -10.93 7.46 -7.44
CA PHE A 195 -11.92 6.47 -7.88
C PHE A 195 -13.12 6.38 -6.93
N VAL A 196 -12.86 6.35 -5.63
CA VAL A 196 -13.94 6.28 -4.65
C VAL A 196 -14.77 7.56 -4.54
N ALA A 197 -14.13 8.71 -4.66
CA ALA A 197 -14.85 9.99 -4.64
C ALA A 197 -15.76 10.15 -5.86
N LEU A 198 -15.40 9.47 -6.95
CA LEU A 198 -16.19 9.53 -8.17
C LEU A 198 -17.36 8.56 -8.13
N ARG A 199 -17.11 7.33 -7.67
CA ARG A 199 -18.19 6.38 -7.44
C ARG A 199 -19.19 6.98 -6.48
N VAL A 200 -18.70 7.82 -5.56
CA VAL A 200 -19.55 8.57 -4.62
C VAL A 200 -20.33 9.66 -5.33
N TYR A 201 -19.70 10.38 -6.25
CA TYR A 201 -20.43 11.41 -6.99
C TYR A 201 -21.62 10.82 -7.75
N ARG A 202 -21.39 9.71 -8.44
CA ARG A 202 -22.42 9.06 -9.26
C ARG A 202 -23.57 8.48 -8.42
N GLU A 203 -23.26 8.00 -7.22
CA GLU A 203 -24.29 7.53 -6.29
C GLU A 203 -25.13 8.71 -5.83
N ALA A 204 -24.48 9.84 -5.53
CA ALA A 204 -25.14 11.07 -5.08
C ALA A 204 -25.81 11.84 -6.22
N LYS A 205 -25.72 11.31 -7.43
CA LYS A 205 -26.54 11.79 -8.55
C LYS A 205 -27.82 10.95 -8.64
N GLU A 206 -27.67 9.66 -8.95
CA GLU A 206 -28.80 8.71 -8.99
C GLU A 206 -29.71 8.83 -7.77
N GLN A 207 -29.14 9.27 -6.65
CA GLN A 207 -29.93 9.52 -5.45
C GLN A 207 -30.69 10.83 -5.53
N ILE A 208 -30.04 11.91 -5.94
CA ILE A 208 -30.75 13.18 -6.06
C ILE A 208 -31.63 13.28 -7.33
N ARG A 209 -31.54 12.26 -8.19
CA ARG A 209 -32.52 12.09 -9.27
C ARG A 209 -33.79 11.53 -8.67
N LYS A 210 -33.64 10.44 -7.90
CA LYS A 210 -34.77 9.73 -7.32
C LYS A 210 -34.98 10.10 -5.85
N ILE A 211 -34.93 11.39 -5.53
CA ILE A 211 -35.32 11.87 -4.19
C ILE A 211 -36.83 11.70 -3.96
N ASP A 212 -37.57 11.68 -5.07
CA ASP A 212 -39.00 11.41 -5.11
C ASP A 212 -39.34 10.04 -4.56
N ARG A 213 -38.43 9.10 -4.76
CA ARG A 213 -38.67 7.69 -4.47
C ARG A 213 -38.01 7.31 -3.14
N ALA A 214 -38.36 8.01 -2.06
CA ALA A 214 -37.74 7.74 -0.76
C ALA A 214 -38.58 8.18 0.42
N SER A 215 -38.84 7.24 1.33
CA SER A 215 -39.55 7.53 2.58
C SER A 215 -38.88 8.68 3.31
N LYS A 216 -39.67 9.55 3.93
CA LYS A 216 -39.13 10.65 4.75
C LYS A 216 -38.23 10.14 5.89
N ARG A 217 -37.97 8.83 5.91
CA ARG A 217 -36.96 8.25 6.80
C ARG A 217 -35.58 8.25 6.13
N LYS A 218 -35.43 7.50 5.03
CA LYS A 218 -34.18 7.45 4.26
C LYS A 218 -33.83 8.81 3.67
N ARG A 219 -34.85 9.50 3.18
CA ARG A 219 -34.69 10.82 2.59
C ARG A 219 -34.28 11.89 3.61
N VAL A 220 -34.17 11.51 4.87
CA VAL A 220 -33.81 12.47 5.91
C VAL A 220 -32.48 12.16 6.63
N MET A 221 -32.15 10.87 6.77
CA MET A 221 -30.81 10.49 7.28
C MET A 221 -29.76 10.68 6.20
N LEU A 222 -30.11 10.33 4.95
CA LEU A 222 -29.27 10.66 3.78
C LEU A 222 -29.28 12.15 3.46
N MET A 223 -30.30 12.86 3.93
CA MET A 223 -30.34 14.32 3.82
C MET A 223 -29.29 14.95 4.74
N ARG A 224 -28.91 14.21 5.78
CA ARG A 224 -27.89 14.65 6.74
C ARG A 224 -26.48 14.17 6.37
N GLU A 225 -26.36 12.93 5.91
CA GLU A 225 -25.12 12.37 5.35
C GLU A 225 -24.69 13.02 4.02
N HIS A 226 -25.67 13.55 3.27
CA HIS A 226 -25.41 14.20 1.97
C HIS A 226 -24.82 15.60 2.09
N LYS A 227 -25.47 16.48 2.85
CA LYS A 227 -24.93 17.83 3.06
C LYS A 227 -23.62 17.68 3.85
N ALA A 228 -22.62 18.48 3.44
CA ALA A 228 -21.21 18.36 3.85
C ALA A 228 -20.41 17.46 2.89
N LEU A 229 -21.03 17.06 1.79
CA LEU A 229 -20.29 16.38 0.72
C LEU A 229 -19.52 17.35 -0.16
N LYS A 230 -20.16 18.47 -0.53
CA LYS A 230 -19.52 19.43 -1.42
C LYS A 230 -18.22 19.92 -0.80
N THR A 231 -18.24 20.23 0.49
CA THR A 231 -17.01 20.58 1.20
C THR A 231 -15.94 19.52 0.99
N LEU A 232 -16.17 18.29 1.43
CA LEU A 232 -15.19 17.22 1.28
C LEU A 232 -14.62 17.11 -0.14
N GLY A 233 -15.46 17.33 -1.14
CA GLY A 233 -15.04 17.35 -2.54
C GLY A 233 -14.07 18.48 -2.83
N ILE A 234 -14.29 19.61 -2.19
CA ILE A 234 -13.39 20.75 -2.33
C ILE A 234 -12.03 20.47 -1.66
N ILE A 235 -12.04 20.11 -0.39
CA ILE A 235 -10.87 19.58 0.34
C ILE A 235 -9.99 18.69 -0.54
N MET A 236 -10.56 17.54 -0.94
CA MET A 236 -9.86 16.59 -1.80
C MET A 236 -9.31 17.22 -3.10
N GLY A 237 -10.17 17.97 -3.81
CA GLY A 237 -9.76 18.62 -5.05
C GLY A 237 -8.49 19.44 -4.92
N VAL A 238 -8.51 20.36 -3.96
CA VAL A 238 -7.43 21.29 -3.63
C VAL A 238 -6.12 20.58 -3.22
N PHE A 239 -6.27 19.62 -2.30
CA PHE A 239 -5.13 18.80 -1.91
C PHE A 239 -4.43 18.28 -3.17
N THR A 240 -5.19 17.56 -4.00
CA THR A 240 -4.65 17.10 -5.29
C THR A 240 -3.96 18.22 -6.07
N LEU A 241 -4.57 19.41 -6.05
CA LEU A 241 -4.03 20.56 -6.76
C LEU A 241 -2.68 21.04 -6.27
N CYS A 242 -2.28 20.64 -5.07
CA CYS A 242 -0.92 21.02 -4.62
C CYS A 242 0.11 19.85 -4.71
N TRP A 243 -0.32 18.76 -4.08
CA TRP A 243 0.56 17.63 -3.97
C TRP A 243 0.76 16.86 -5.27
N LEU A 244 -0.22 16.81 -6.16
CA LEU A 244 0.07 16.19 -7.44
C LEU A 244 1.16 16.96 -8.21
N PRO A 245 1.07 18.31 -8.26
CA PRO A 245 2.17 19.03 -8.88
C PRO A 245 3.49 18.61 -8.27
N PHE A 246 3.62 18.76 -6.94
CA PHE A 246 4.92 18.38 -6.33
C PHE A 246 5.43 16.97 -6.69
N PHE A 247 4.55 15.98 -6.69
CA PHE A 247 4.94 14.57 -6.83
C PHE A 247 5.25 14.15 -8.25
N LEU A 248 4.63 14.85 -9.21
CA LEU A 248 4.92 14.66 -10.62
C LEU A 248 6.30 15.22 -10.89
N VAL A 249 6.50 16.46 -10.45
CA VAL A 249 7.82 17.08 -10.49
C VAL A 249 8.84 16.04 -9.99
N ASN A 250 8.54 15.46 -8.84
CA ASN A 250 9.37 14.47 -8.18
C ASN A 250 9.65 13.20 -9.01
N ILE A 251 8.67 12.71 -9.75
CA ILE A 251 8.87 11.48 -10.54
C ILE A 251 9.62 11.71 -11.86
N VAL A 252 9.51 12.91 -12.42
CA VAL A 252 10.26 13.27 -13.62
C VAL A 252 11.75 13.28 -13.29
N ASN A 253 12.07 13.78 -12.10
CA ASN A 253 13.44 13.87 -11.58
C ASN A 253 14.21 12.54 -11.56
N VAL A 254 13.48 11.43 -11.67
CA VAL A 254 14.04 10.09 -11.67
C VAL A 254 14.48 9.70 -13.09
N PHE A 255 13.75 10.21 -14.09
CA PHE A 255 14.02 9.94 -15.49
C PHE A 255 15.21 10.77 -15.97
N ASN A 256 15.34 11.97 -15.38
CA ASN A 256 16.31 12.96 -15.80
C ASN A 256 16.32 14.11 -14.84
N ARG A 257 17.42 14.26 -14.10
CA ARG A 257 17.55 15.28 -13.08
C ARG A 257 17.64 16.71 -13.65
N ASP A 258 17.97 16.81 -14.93
CA ASP A 258 18.17 18.09 -15.62
C ASP A 258 16.91 18.60 -16.31
N LEU A 259 15.78 17.97 -16.01
CA LEU A 259 14.54 18.27 -16.69
C LEU A 259 13.67 19.15 -15.80
N VAL A 260 13.99 19.19 -14.51
CA VAL A 260 13.27 20.02 -13.55
C VAL A 260 14.23 21.00 -12.85
N PRO A 261 13.93 22.32 -12.94
CA PRO A 261 14.63 23.35 -12.16
C PRO A 261 14.54 23.10 -10.66
N ASP A 262 15.55 23.52 -9.91
CA ASP A 262 15.61 23.28 -8.47
C ASP A 262 14.70 24.17 -7.68
N TRP A 263 14.42 25.34 -8.24
CA TRP A 263 13.51 26.31 -7.64
C TRP A 263 12.02 26.03 -7.96
N LEU A 264 11.77 25.30 -9.05
CA LEU A 264 10.42 24.80 -9.36
C LEU A 264 10.08 23.69 -8.39
N PHE A 265 11.08 22.86 -8.10
CA PHE A 265 10.97 21.82 -7.09
C PHE A 265 10.65 22.38 -5.72
N VAL A 266 11.32 23.48 -5.38
CA VAL A 266 11.07 24.13 -4.10
C VAL A 266 9.72 24.84 -4.09
N ALA A 267 9.30 25.35 -5.25
CA ALA A 267 8.02 26.04 -5.38
C ALA A 267 6.82 25.10 -5.16
N PHE A 268 6.83 23.98 -5.89
CA PHE A 268 5.76 22.99 -5.81
C PHE A 268 5.69 22.28 -4.45
N ASN A 269 6.80 22.33 -3.72
CA ASN A 269 6.83 21.85 -2.36
C ASN A 269 6.17 22.87 -1.45
N TRP A 270 6.45 24.15 -1.65
CA TRP A 270 5.81 25.19 -0.84
C TRP A 270 4.36 25.43 -1.24
N LEU A 271 4.00 24.92 -2.43
CA LEU A 271 2.60 24.82 -2.83
C LEU A 271 1.87 23.93 -1.84
N GLY A 272 2.27 22.65 -1.78
CA GLY A 272 1.67 21.66 -0.87
C GLY A 272 1.73 22.02 0.60
N TYR A 273 2.77 22.76 0.98
CA TYR A 273 2.92 23.27 2.33
C TYR A 273 1.80 24.24 2.64
N ALA A 274 1.51 25.11 1.67
CA ALA A 274 0.47 26.12 1.83
C ALA A 274 -0.93 25.50 1.91
N ASN A 275 -1.08 24.29 1.35
CA ASN A 275 -2.31 23.52 1.45
C ASN A 275 -2.82 23.35 2.88
N SER A 276 -1.90 23.27 3.83
CA SER A 276 -2.20 23.13 5.25
C SER A 276 -2.81 24.39 5.85
N ALA A 277 -2.77 25.48 5.10
CA ALA A 277 -3.47 26.71 5.47
C ALA A 277 -4.84 26.78 4.79
N MET A 278 -4.94 26.21 3.59
CA MET A 278 -6.16 26.29 2.81
C MET A 278 -7.33 25.59 3.47
N ASN A 279 -7.08 24.45 4.10
CA ASN A 279 -8.18 23.69 4.68
C ASN A 279 -9.01 24.50 5.68
N PRO A 280 -8.36 25.16 6.67
CA PRO A 280 -9.14 26.04 7.56
C PRO A 280 -9.99 27.10 6.84
N ILE A 281 -9.45 27.65 5.75
CA ILE A 281 -10.14 28.66 4.94
C ILE A 281 -11.33 28.07 4.18
N ILE A 282 -11.21 26.80 3.79
CA ILE A 282 -12.30 26.11 3.10
C ILE A 282 -13.45 25.77 4.07
N TYR A 283 -13.18 25.81 5.37
CA TYR A 283 -14.22 25.57 6.38
C TYR A 283 -15.12 26.78 6.63
N CYS A 284 -14.70 27.97 6.19
CA CYS A 284 -15.52 29.17 6.30
C CYS A 284 -16.74 29.12 5.38
N ARG A 285 -16.74 28.15 4.48
CA ARG A 285 -17.87 27.89 3.57
C ARG A 285 -19.12 27.42 4.32
N SER A 286 -18.98 26.36 5.12
CA SER A 286 -20.08 25.76 5.86
C SER A 286 -20.58 26.69 6.99
N PRO A 287 -21.91 26.94 7.05
CA PRO A 287 -22.52 27.83 8.07
C PRO A 287 -22.36 27.28 9.51
N ASP A 288 -22.28 25.95 9.61
CA ASP A 288 -21.97 25.21 10.83
C ASP A 288 -20.58 25.60 11.39
N PHE A 289 -19.58 25.64 10.49
CA PHE A 289 -18.21 26.03 10.83
C PHE A 289 -18.02 27.57 10.85
N ARG A 290 -18.67 28.26 9.92
CA ARG A 290 -18.57 29.72 9.77
C ARG A 290 -19.02 30.48 11.02
N LYS A 291 -20.18 30.07 11.55
CA LYS A 291 -20.68 30.58 12.82
C LYS A 291 -19.72 30.23 13.98
N ALA A 292 -19.19 29.01 13.96
CA ALA A 292 -18.22 28.53 14.97
C ALA A 292 -16.84 29.23 14.86
N PHE A 293 -16.66 30.03 13.82
CA PHE A 293 -15.40 30.76 13.60
C PHE A 293 -15.45 32.20 14.11
N LYS A 294 -16.61 32.62 14.60
CA LYS A 294 -16.84 34.00 15.04
C LYS A 294 -17.09 34.08 16.56
N GLN B 9 -1.75 -44.01 15.47
CA GLN B 9 -0.62 -43.97 14.50
C GLN B 9 -1.09 -43.59 13.08
N TRP B 10 -1.87 -42.52 13.01
CA TRP B 10 -2.27 -41.91 11.76
C TRP B 10 -1.24 -40.85 11.38
N GLU B 11 -0.33 -40.56 12.32
CA GLU B 11 0.80 -39.64 12.15
C GLU B 11 1.79 -40.05 11.05
N ALA B 12 1.96 -41.36 10.86
CA ALA B 12 2.87 -41.91 9.85
C ALA B 12 2.46 -41.55 8.41
N GLY B 13 1.20 -41.84 8.08
CA GLY B 13 0.65 -41.52 6.75
C GLY B 13 0.61 -40.04 6.46
N MET B 14 0.39 -39.26 7.51
CA MET B 14 0.36 -37.81 7.40
C MET B 14 1.74 -37.22 7.09
N SER B 15 2.75 -37.67 7.84
CA SER B 15 4.16 -37.38 7.56
C SER B 15 4.52 -37.73 6.11
N LEU B 16 4.07 -38.90 5.66
CA LEU B 16 4.22 -39.28 4.25
C LEU B 16 3.69 -38.20 3.30
N LEU B 17 2.37 -37.98 3.30
CA LEU B 17 1.74 -37.06 2.34
C LEU B 17 2.34 -35.65 2.35
N MET B 18 2.65 -35.16 3.55
CA MET B 18 3.25 -33.85 3.72
C MET B 18 4.67 -33.79 3.15
N ALA B 19 5.43 -34.88 3.29
CA ALA B 19 6.75 -34.97 2.68
C ALA B 19 6.67 -35.00 1.16
N LEU B 20 5.58 -35.56 0.64
CA LEU B 20 5.30 -35.53 -0.79
C LEU B 20 5.05 -34.12 -1.33
N VAL B 21 4.10 -33.40 -0.72
CA VAL B 21 3.83 -32.02 -1.16
C VAL B 21 5.06 -31.10 -1.00
N VAL B 22 5.85 -31.38 0.04
CA VAL B 22 7.15 -30.70 0.24
C VAL B 22 8.06 -30.99 -0.94
N LEU B 23 8.05 -32.24 -1.41
CA LEU B 23 8.80 -32.59 -2.62
C LEU B 23 8.35 -31.74 -3.81
N LEU B 24 7.07 -31.80 -4.17
CA LEU B 24 6.55 -31.04 -5.29
C LEU B 24 6.99 -29.57 -5.24
N ILE B 25 6.81 -28.94 -4.09
CA ILE B 25 7.15 -27.52 -3.98
C ILE B 25 8.64 -27.25 -4.15
N VAL B 26 9.48 -27.96 -3.39
CA VAL B 26 10.92 -27.68 -3.34
C VAL B 26 11.63 -27.99 -4.66
N ALA B 27 11.35 -29.17 -5.21
CA ALA B 27 11.83 -29.60 -6.51
C ALA B 27 11.35 -28.68 -7.64
N GLY B 28 10.05 -28.46 -7.74
CA GLY B 28 9.51 -27.58 -8.78
C GLY B 28 10.16 -26.22 -8.79
N ASN B 29 10.16 -25.57 -7.64
CA ASN B 29 10.66 -24.21 -7.53
C ASN B 29 12.17 -24.06 -7.69
N VAL B 30 12.95 -25.05 -7.23
CA VAL B 30 14.40 -25.03 -7.44
C VAL B 30 14.73 -25.24 -8.90
N LEU B 31 13.86 -26.01 -9.56
CA LEU B 31 13.93 -26.27 -10.99
C LEU B 31 13.70 -24.98 -11.79
N VAL B 32 12.74 -24.18 -11.34
CA VAL B 32 12.46 -22.87 -11.95
C VAL B 32 13.59 -21.86 -11.73
N ILE B 33 14.13 -21.82 -10.50
CA ILE B 33 15.19 -20.87 -10.16
C ILE B 33 16.53 -21.22 -10.84
N ALA B 34 16.70 -22.51 -11.15
CA ALA B 34 17.93 -23.00 -11.76
C ALA B 34 17.87 -22.99 -13.29
N ALA B 35 16.68 -23.15 -13.85
CA ALA B 35 16.48 -23.08 -15.31
C ALA B 35 16.75 -21.66 -15.79
N ILE B 36 16.09 -20.70 -15.14
CA ILE B 36 16.33 -19.29 -15.40
C ILE B 36 17.74 -18.92 -14.96
N GLY B 37 18.30 -19.69 -14.02
CA GLY B 37 19.70 -19.55 -13.63
C GLY B 37 20.68 -19.90 -14.75
N SER B 38 20.35 -20.93 -15.52
CA SER B 38 21.21 -21.41 -16.62
C SER B 38 20.94 -20.64 -17.90
N THR B 39 19.88 -21.04 -18.60
CA THR B 39 19.53 -20.44 -19.89
C THR B 39 19.35 -18.90 -19.79
N GLN B 40 20.28 -18.18 -20.42
CA GLN B 40 20.24 -16.72 -20.56
C GLN B 40 19.22 -16.35 -21.64
N ARG B 41 19.02 -17.29 -22.56
CA ARG B 41 17.93 -17.24 -23.54
C ARG B 41 16.59 -17.13 -22.83
N LEU B 42 16.53 -17.71 -21.63
CA LEU B 42 15.34 -17.68 -20.76
C LEU B 42 15.25 -16.49 -19.82
N GLN B 43 16.37 -15.83 -19.53
CA GLN B 43 16.39 -14.69 -18.61
C GLN B 43 15.64 -13.43 -19.06
N THR B 44 14.44 -13.60 -19.63
CA THR B 44 13.54 -12.49 -19.97
C THR B 44 13.10 -11.78 -18.69
N LEU B 45 12.59 -10.55 -18.82
CA LEU B 45 12.14 -9.79 -17.63
C LEU B 45 11.09 -10.53 -16.77
N THR B 46 9.97 -10.81 -17.42
CA THR B 46 8.88 -11.54 -16.81
C THR B 46 9.38 -12.84 -16.18
N ASN B 47 10.36 -13.50 -16.80
CA ASN B 47 10.92 -14.70 -16.20
C ASN B 47 11.68 -14.43 -14.91
N LEU B 48 12.24 -13.24 -14.76
CA LEU B 48 12.93 -12.87 -13.54
C LEU B 48 11.94 -12.59 -12.41
N PHE B 49 10.82 -11.97 -12.78
CA PHE B 49 9.73 -11.82 -11.79
C PHE B 49 9.18 -13.16 -11.29
N ILE B 50 8.98 -14.08 -12.24
CA ILE B 50 8.70 -15.48 -11.94
C ILE B 50 9.79 -16.10 -11.05
N THR B 51 11.00 -15.57 -11.11
CA THR B 51 12.01 -16.02 -10.15
C THR B 51 11.65 -15.54 -8.77
N SER B 52 11.39 -14.24 -8.62
CA SER B 52 10.96 -13.72 -7.31
C SER B 52 9.89 -14.64 -6.70
N LEU B 53 8.87 -14.92 -7.50
CA LEU B 53 7.74 -15.76 -7.13
C LEU B 53 8.14 -17.17 -6.69
N ALA B 54 9.09 -17.76 -7.42
CA ALA B 54 9.60 -19.11 -7.14
C ALA B 54 10.47 -19.18 -5.87
N CYS B 55 11.02 -18.04 -5.45
CA CYS B 55 11.83 -17.96 -4.24
C CYS B 55 10.91 -17.81 -3.05
N ALA B 56 9.86 -17.00 -3.20
CA ALA B 56 8.81 -16.95 -2.19
C ALA B 56 8.26 -18.34 -1.96
N ASP B 57 7.75 -18.97 -3.01
CA ASP B 57 7.12 -20.29 -2.86
C ASP B 57 8.10 -21.36 -2.41
N LEU B 58 9.37 -21.17 -2.75
CA LEU B 58 10.41 -22.06 -2.27
C LEU B 58 10.48 -21.99 -0.74
N VAL B 59 10.63 -20.78 -0.20
CA VAL B 59 10.58 -20.57 1.25
C VAL B 59 9.34 -21.20 1.86
N VAL B 60 8.17 -21.02 1.25
CA VAL B 60 6.95 -21.63 1.80
C VAL B 60 7.09 -23.14 1.97
N GLY B 61 7.43 -23.82 0.88
CA GLY B 61 7.56 -25.28 0.90
C GLY B 61 8.79 -25.83 1.60
N LEU B 62 9.65 -24.94 2.09
CA LEU B 62 10.88 -25.30 2.79
C LEU B 62 10.73 -25.16 4.30
N LEU B 63 10.00 -24.15 4.74
CA LEU B 63 9.85 -23.85 6.16
C LEU B 63 8.40 -23.75 6.53
N VAL B 64 7.69 -22.83 5.88
CA VAL B 64 6.34 -22.51 6.30
C VAL B 64 5.49 -23.78 6.35
N VAL B 65 5.60 -24.61 5.32
CA VAL B 65 4.81 -25.84 5.25
C VAL B 65 5.29 -27.00 6.13
N PRO B 66 6.61 -27.23 6.26
CA PRO B 66 7.03 -28.27 7.23
C PRO B 66 6.70 -27.95 8.71
N PHE B 67 7.09 -26.77 9.16
CA PHE B 67 6.77 -26.33 10.52
C PHE B 67 5.26 -26.26 10.76
N GLY B 68 4.52 -25.75 9.78
CA GLY B 68 3.05 -25.76 9.84
C GLY B 68 2.43 -27.15 9.79
N ALA B 69 3.19 -28.13 9.34
CA ALA B 69 2.72 -29.52 9.29
C ALA B 69 2.92 -30.22 10.63
N THR B 70 4.05 -29.98 11.31
CA THR B 70 4.20 -30.48 12.68
C THR B 70 2.98 -30.10 13.53
N LEU B 71 2.61 -28.81 13.50
CA LEU B 71 1.48 -28.25 14.26
C LEU B 71 0.14 -28.90 13.98
N VAL B 72 -0.12 -29.25 12.73
CA VAL B 72 -1.39 -29.89 12.39
C VAL B 72 -1.37 -31.32 12.88
N VAL B 73 -0.23 -32.00 12.68
CA VAL B 73 -0.07 -33.38 13.14
C VAL B 73 -0.12 -33.51 14.67
N ARG B 74 0.68 -32.70 15.37
CA ARG B 74 0.88 -32.84 16.81
C ARG B 74 -0.05 -32.01 17.69
N GLY B 75 -1.02 -31.34 17.11
CA GLY B 75 -1.90 -30.44 17.86
C GLY B 75 -1.25 -29.26 18.58
N THR B 76 0.08 -29.19 18.58
CA THR B 76 0.81 -28.17 19.37
C THR B 76 2.20 -27.78 18.78
N TRP B 77 2.76 -26.69 19.30
CA TRP B 77 4.02 -26.13 18.79
C TRP B 77 5.22 -26.57 19.61
N LEU B 78 6.09 -27.34 18.96
CA LEU B 78 7.20 -28.00 19.62
C LEU B 78 8.52 -27.26 19.46
N TRP B 79 8.46 -25.97 19.12
CA TRP B 79 9.67 -25.21 18.77
C TRP B 79 9.77 -23.89 19.53
N GLY B 80 8.82 -23.65 20.43
CA GLY B 80 8.93 -22.52 21.35
C GLY B 80 8.64 -21.13 20.82
N SER B 81 8.42 -20.21 21.76
CA SER B 81 7.79 -18.91 21.52
C SER B 81 8.40 -18.09 20.40
N PHE B 82 9.72 -18.04 20.38
CA PHE B 82 10.39 -17.19 19.40
C PHE B 82 10.31 -17.74 17.99
N LEU B 83 10.72 -18.99 17.80
CA LEU B 83 10.58 -19.61 16.48
C LEU B 83 9.14 -19.61 15.99
N CYS B 84 8.18 -19.68 16.91
CA CYS B 84 6.77 -19.50 16.55
C CYS B 84 6.54 -18.13 15.93
N GLU B 85 6.96 -17.08 16.66
CA GLU B 85 6.77 -15.68 16.21
C GLU B 85 7.36 -15.45 14.81
N LEU B 86 8.59 -15.92 14.64
CA LEU B 86 9.37 -15.82 13.42
C LEU B 86 8.76 -16.56 12.23
N TRP B 87 8.41 -17.82 12.44
CA TRP B 87 7.73 -18.65 11.44
C TRP B 87 6.41 -18.02 10.94
N THR B 88 5.66 -17.47 11.87
CA THR B 88 4.50 -16.67 11.46
C THR B 88 4.96 -15.52 10.54
N SER B 89 5.93 -14.73 11.00
CA SER B 89 6.46 -13.62 10.19
C SER B 89 6.89 -14.02 8.77
N LEU B 90 7.34 -15.26 8.61
CA LEU B 90 7.82 -15.76 7.32
C LEU B 90 6.69 -16.23 6.43
N ASP B 91 5.67 -16.85 7.01
CA ASP B 91 4.44 -17.13 6.28
C ASP B 91 3.84 -15.84 5.67
N VAL B 92 3.59 -14.88 6.57
CA VAL B 92 3.04 -13.56 6.20
C VAL B 92 3.87 -12.93 5.10
N LEU B 93 5.20 -12.90 5.30
CA LEU B 93 6.12 -12.33 4.33
C LEU B 93 6.02 -12.98 2.97
N CYS B 94 6.01 -14.31 2.93
CA CYS B 94 5.90 -15.03 1.69
C CYS B 94 4.65 -14.68 0.93
N VAL B 95 3.50 -14.60 1.61
CA VAL B 95 2.28 -14.22 0.88
C VAL B 95 2.32 -12.77 0.36
N THR B 96 2.68 -11.82 1.22
CA THR B 96 2.82 -10.41 0.83
C THR B 96 3.72 -10.22 -0.40
N ALA B 97 4.82 -10.95 -0.43
CA ALA B 97 5.77 -10.96 -1.54
C ALA B 97 5.10 -11.52 -2.77
N SER B 98 4.57 -12.74 -2.70
CA SER B 98 3.87 -13.32 -3.84
C SER B 98 2.94 -12.31 -4.51
N ILE B 99 2.05 -11.71 -3.71
CA ILE B 99 1.04 -10.84 -4.31
C ILE B 99 1.64 -9.53 -4.84
N GLU B 100 2.64 -8.98 -4.18
CA GLU B 100 3.24 -7.75 -4.70
C GLU B 100 3.96 -7.96 -6.05
N THR B 101 4.63 -9.09 -6.17
CA THR B 101 5.30 -9.55 -7.38
C THR B 101 4.29 -9.82 -8.51
N LEU B 102 3.12 -10.36 -8.18
CA LEU B 102 2.08 -10.55 -9.20
C LEU B 102 1.53 -9.23 -9.70
N CYS B 103 1.24 -8.34 -8.77
CA CYS B 103 0.84 -6.98 -9.08
C CYS B 103 1.80 -6.32 -10.06
N VAL B 104 3.09 -6.35 -9.72
CA VAL B 104 4.14 -5.76 -10.54
C VAL B 104 4.17 -6.41 -11.90
N ILE B 105 3.99 -7.73 -11.97
CA ILE B 105 4.03 -8.45 -13.23
C ILE B 105 2.94 -7.94 -14.15
N ALA B 106 1.74 -7.76 -13.59
CA ALA B 106 0.63 -7.17 -14.33
C ALA B 106 0.98 -5.78 -14.84
N ILE B 107 1.49 -4.90 -13.98
CA ILE B 107 1.86 -3.54 -14.43
C ILE B 107 2.88 -3.54 -15.59
N ASP B 108 4.00 -4.21 -15.39
CA ASP B 108 5.03 -4.47 -16.40
C ASP B 108 4.42 -4.91 -17.72
N ARG B 109 3.48 -5.84 -17.68
CA ARG B 109 2.79 -6.26 -18.88
C ARG B 109 2.05 -5.12 -19.54
N TYR B 110 1.26 -4.38 -18.75
CA TYR B 110 0.50 -3.25 -19.29
C TYR B 110 1.37 -2.25 -20.03
N LEU B 111 2.49 -1.87 -19.42
CA LEU B 111 3.44 -0.95 -20.03
C LEU B 111 4.08 -1.52 -21.28
N ALA B 112 4.52 -2.78 -21.20
CA ALA B 112 5.19 -3.46 -22.30
C ALA B 112 4.22 -3.82 -23.43
N ILE B 113 3.01 -3.27 -23.34
CA ILE B 113 2.00 -3.39 -24.38
C ILE B 113 1.61 -2.00 -24.90
N THR B 114 1.35 -1.08 -23.97
CA THR B 114 0.87 0.25 -24.32
C THR B 114 2.00 1.16 -24.80
N SER B 115 3.18 1.05 -24.19
CA SER B 115 4.33 1.86 -24.62
C SER B 115 5.53 1.02 -25.02
N PRO B 116 5.35 0.14 -26.05
CA PRO B 116 6.43 -0.78 -26.43
C PRO B 116 7.74 -0.07 -26.72
N PHE B 117 7.70 1.03 -27.48
CA PHE B 117 8.90 1.80 -27.80
C PHE B 117 9.66 2.21 -26.52
N ARG B 118 9.03 3.05 -25.71
CA ARG B 118 9.60 3.49 -24.44
C ARG B 118 10.13 2.34 -23.58
N TYR B 119 9.38 1.22 -23.55
CA TYR B 119 9.71 0.05 -22.74
C TYR B 119 11.13 -0.51 -22.91
N GLN B 120 11.55 -0.78 -24.15
CA GLN B 120 12.86 -1.41 -24.36
C GLN B 120 14.05 -0.49 -24.06
N SER B 121 13.83 0.83 -24.16
CA SER B 121 14.85 1.81 -23.82
C SER B 121 15.14 1.90 -22.31
N LEU B 122 14.08 1.82 -21.50
CA LEU B 122 14.18 2.03 -20.05
C LEU B 122 14.40 0.74 -19.25
N MET B 123 13.48 -0.22 -19.42
CA MET B 123 13.53 -1.49 -18.69
C MET B 123 14.64 -2.43 -19.19
N THR B 124 15.53 -2.80 -18.26
CA THR B 124 16.62 -3.75 -18.51
C THR B 124 16.57 -4.86 -17.45
N ARG B 125 17.49 -5.81 -17.50
CA ARG B 125 17.56 -6.87 -16.47
C ARG B 125 17.94 -6.33 -15.10
N ALA B 126 18.91 -5.42 -15.06
CA ALA B 126 19.36 -4.82 -13.81
C ALA B 126 18.25 -4.00 -13.16
N ARG B 127 17.46 -3.31 -13.98
CA ARG B 127 16.30 -2.57 -13.47
C ARG B 127 15.21 -3.50 -12.95
N ALA B 128 15.07 -4.67 -13.58
CA ALA B 128 14.17 -5.72 -13.09
C ALA B 128 14.57 -6.21 -11.71
N LYS B 129 15.86 -6.47 -11.52
CA LYS B 129 16.40 -6.87 -10.23
C LYS B 129 16.16 -5.80 -9.16
N VAL B 130 16.52 -4.55 -9.45
CA VAL B 130 16.22 -3.49 -8.47
C VAL B 130 14.75 -3.57 -8.09
N ILE B 131 13.87 -3.67 -9.08
CA ILE B 131 12.43 -3.71 -8.80
C ILE B 131 12.08 -4.85 -7.84
N ILE B 132 12.59 -6.06 -8.10
CA ILE B 132 12.33 -7.25 -7.28
C ILE B 132 12.76 -7.03 -5.83
N CYS B 133 13.95 -6.49 -5.65
CA CYS B 133 14.40 -6.11 -4.35
C CYS B 133 13.40 -5.21 -3.69
N THR B 134 13.17 -4.02 -4.23
CA THR B 134 12.27 -3.02 -3.65
C THR B 134 10.92 -3.62 -3.24
N VAL B 135 10.44 -4.57 -4.04
CA VAL B 135 9.25 -5.35 -3.71
C VAL B 135 9.45 -6.12 -2.40
N TRP B 136 10.51 -6.93 -2.30
CA TRP B 136 10.81 -7.65 -1.05
C TRP B 136 11.01 -6.75 0.18
N ALA B 137 11.50 -5.53 -0.04
CA ALA B 137 11.72 -4.55 0.99
C ALA B 137 10.41 -4.03 1.53
N ILE B 138 9.51 -3.63 0.62
CA ILE B 138 8.14 -3.24 0.96
C ILE B 138 7.46 -4.41 1.65
N SER B 139 7.52 -5.58 1.02
CA SER B 139 6.91 -6.78 1.56
C SER B 139 7.32 -6.98 3.03
N ALA B 140 8.62 -6.90 3.29
CA ALA B 140 9.13 -7.03 4.67
C ALA B 140 8.84 -5.80 5.55
N LEU B 141 8.76 -4.61 4.96
CA LEU B 141 8.35 -3.44 5.72
C LEU B 141 6.95 -3.64 6.22
N VAL B 142 6.03 -3.94 5.30
CA VAL B 142 4.61 -4.02 5.63
C VAL B 142 4.26 -5.24 6.48
N SER B 143 4.90 -6.37 6.21
CA SER B 143 4.52 -7.58 6.91
C SER B 143 5.32 -7.80 8.20
N PHE B 144 6.64 -7.77 8.09
CA PHE B 144 7.54 -8.30 9.12
C PHE B 144 7.61 -7.46 10.39
N LEU B 145 7.52 -6.13 10.23
CA LEU B 145 7.73 -5.22 11.36
C LEU B 145 6.53 -5.04 12.31
N PRO B 146 5.29 -4.97 11.76
CA PRO B 146 4.11 -4.96 12.62
C PRO B 146 4.05 -6.12 13.62
N ILE B 147 4.51 -7.30 13.20
CA ILE B 147 4.62 -8.50 14.07
C ILE B 147 5.63 -8.37 15.23
N MET B 148 6.80 -7.83 14.90
CA MET B 148 7.91 -7.73 15.82
C MET B 148 7.82 -6.52 16.76
N MET B 149 7.02 -5.53 16.39
CA MET B 149 6.66 -4.44 17.30
C MET B 149 5.40 -4.78 18.12
N HIS B 150 4.88 -5.98 17.88
CA HIS B 150 3.76 -6.53 18.65
C HIS B 150 2.44 -5.80 18.43
N TRP B 151 2.32 -5.06 17.33
CA TRP B 151 1.11 -4.31 17.02
C TRP B 151 -0.11 -5.23 16.92
N TRP B 152 0.17 -6.53 16.83
CA TRP B 152 -0.81 -7.55 16.53
C TRP B 152 -1.44 -8.18 17.75
N ARG B 153 -0.94 -7.86 18.93
CA ARG B 153 -1.38 -8.54 20.16
C ARG B 153 -2.75 -8.10 20.66
N ASP B 154 -3.56 -9.08 21.07
CA ASP B 154 -4.96 -8.85 21.48
C ASP B 154 -5.11 -8.79 22.99
N GLU B 155 -6.01 -7.89 23.43
CA GLU B 155 -6.27 -7.58 24.84
C GLU B 155 -6.91 -8.71 25.65
N ASP B 156 -7.99 -9.28 25.10
CA ASP B 156 -8.71 -10.47 25.62
C ASP B 156 -7.81 -11.52 26.31
N PRO B 157 -8.32 -12.12 27.42
CA PRO B 157 -7.65 -13.16 28.24
C PRO B 157 -7.06 -14.34 27.45
N GLN B 158 -7.93 -15.16 26.84
CA GLN B 158 -7.48 -16.38 26.17
C GLN B 158 -6.32 -16.11 25.20
N ALA B 159 -6.32 -14.92 24.61
CA ALA B 159 -5.25 -14.49 23.72
C ALA B 159 -3.92 -14.54 24.47
N LEU B 160 -3.88 -13.86 25.63
CA LEU B 160 -2.67 -13.76 26.45
C LEU B 160 -2.19 -15.14 26.90
N LYS B 161 -3.16 -15.99 27.24
CA LYS B 161 -2.95 -17.39 27.57
C LYS B 161 -2.15 -18.10 26.47
N CYS B 162 -2.36 -17.69 25.23
CA CYS B 162 -1.68 -18.27 24.08
C CYS B 162 -0.29 -17.68 23.90
N TYR B 163 -0.13 -16.41 24.27
CA TYR B 163 1.18 -15.78 24.22
C TYR B 163 2.07 -16.40 25.29
N GLN B 164 1.48 -16.60 26.48
CA GLN B 164 2.15 -17.26 27.59
C GLN B 164 2.52 -18.72 27.31
N ASP B 165 1.80 -19.35 26.40
CA ASP B 165 2.06 -20.75 26.08
C ASP B 165 3.01 -20.86 24.89
N PRO B 166 4.17 -21.52 25.08
CA PRO B 166 5.15 -21.77 24.01
C PRO B 166 4.64 -22.79 22.99
N GLY B 167 3.75 -23.67 23.44
CA GLY B 167 3.09 -24.63 22.58
C GLY B 167 1.93 -24.02 21.84
N CYS B 168 1.55 -22.79 22.23
CA CYS B 168 0.51 -22.07 21.52
C CYS B 168 1.14 -21.15 20.49
N CYS B 169 0.79 -21.40 19.23
CA CYS B 169 1.34 -20.69 18.08
C CYS B 169 0.26 -20.17 17.11
N ASP B 170 -0.97 -20.07 17.61
CA ASP B 170 -2.12 -19.61 16.82
C ASP B 170 -2.09 -18.11 16.64
N PHE B 171 -2.28 -17.67 15.40
CA PHE B 171 -2.16 -16.26 15.07
C PHE B 171 -3.39 -15.51 15.58
N VAL B 172 -3.36 -15.20 16.87
CA VAL B 172 -4.51 -14.54 17.48
C VAL B 172 -4.21 -13.04 17.58
N THR B 173 -4.88 -12.25 16.74
CA THR B 173 -4.58 -10.82 16.63
C THR B 173 -5.77 -9.91 16.92
N ASN B 174 -5.47 -8.66 17.31
CA ASN B 174 -6.51 -7.68 17.54
C ASN B 174 -7.12 -7.29 16.20
N ARG B 175 -8.32 -6.72 16.24
CA ARG B 175 -9.13 -6.52 15.02
C ARG B 175 -8.67 -5.38 14.09
N ALA B 176 -8.17 -4.29 14.68
CA ALA B 176 -7.52 -3.26 13.88
C ALA B 176 -6.33 -3.83 13.08
N TYR B 177 -5.55 -4.72 13.67
CA TYR B 177 -4.46 -5.36 12.94
C TYR B 177 -4.96 -6.37 11.92
N ALA B 178 -6.00 -7.11 12.24
CA ALA B 178 -6.54 -8.03 11.27
C ALA B 178 -6.91 -7.28 9.98
N ILE B 179 -7.60 -6.14 10.16
CA ILE B 179 -8.08 -5.33 9.05
C ILE B 179 -6.98 -4.65 8.25
N ALA B 180 -6.16 -3.86 8.94
CA ALA B 180 -5.14 -3.06 8.27
C ALA B 180 -4.05 -3.94 7.65
N SER B 181 -3.66 -4.97 8.40
CA SER B 181 -2.77 -5.98 7.91
C SER B 181 -3.26 -6.68 6.66
N SER B 182 -4.51 -7.16 6.66
CA SER B 182 -4.95 -7.90 5.49
C SER B 182 -5.14 -6.97 4.27
N ILE B 183 -5.56 -5.73 4.50
CA ILE B 183 -5.70 -4.73 3.44
C ILE B 183 -4.34 -4.47 2.76
N ILE B 184 -3.35 -4.15 3.59
CA ILE B 184 -2.04 -3.70 3.14
C ILE B 184 -1.16 -4.80 2.57
N SER B 185 -1.31 -6.01 3.11
CA SER B 185 -0.52 -7.14 2.64
C SER B 185 -1.20 -7.81 1.46
N PHE B 186 -2.51 -7.67 1.37
CA PHE B 186 -3.27 -8.46 0.41
C PHE B 186 -4.32 -7.73 -0.41
N TYR B 187 -5.26 -7.06 0.22
CA TYR B 187 -6.34 -6.50 -0.58
C TYR B 187 -5.90 -5.42 -1.57
N ILE B 188 -5.04 -4.49 -1.14
CA ILE B 188 -4.51 -3.48 -2.07
C ILE B 188 -3.75 -4.09 -3.28
N PRO B 189 -2.68 -4.90 -3.02
CA PRO B 189 -1.94 -5.58 -4.10
C PRO B 189 -2.84 -6.37 -5.05
N LEU B 190 -3.82 -7.06 -4.47
CA LEU B 190 -4.76 -7.84 -5.24
C LEU B 190 -5.51 -6.93 -6.17
N LEU B 191 -6.26 -5.97 -5.64
CA LEU B 191 -7.09 -5.08 -6.44
C LEU B 191 -6.32 -4.43 -7.58
N ILE B 192 -5.19 -3.81 -7.27
CA ILE B 192 -4.36 -3.24 -8.32
C ILE B 192 -4.02 -4.28 -9.40
N MET B 193 -3.60 -5.47 -8.98
CA MET B 193 -3.29 -6.56 -9.89
C MET B 193 -4.44 -6.97 -10.82
N ILE B 194 -5.68 -6.91 -10.33
CA ILE B 194 -6.84 -7.37 -11.09
C ILE B 194 -7.31 -6.31 -12.07
N PHE B 195 -7.51 -5.08 -11.58
CA PHE B 195 -7.84 -3.97 -12.47
C PHE B 195 -6.81 -3.88 -13.61
N VAL B 196 -5.52 -4.00 -13.29
CA VAL B 196 -4.46 -3.89 -14.29
C VAL B 196 -4.39 -5.09 -15.24
N ALA B 197 -4.66 -6.28 -14.73
CA ALA B 197 -4.71 -7.47 -15.60
C ALA B 197 -5.90 -7.42 -16.56
N LEU B 198 -6.93 -6.66 -16.21
CA LEU B 198 -8.11 -6.52 -17.05
C LEU B 198 -7.91 -5.46 -18.12
N ARG B 199 -7.39 -4.30 -17.72
CA ARG B 199 -7.00 -3.26 -18.67
C ARG B 199 -6.01 -3.85 -19.67
N VAL B 200 -5.19 -4.80 -19.22
CA VAL B 200 -4.28 -5.57 -20.08
C VAL B 200 -5.03 -6.51 -21.03
N TYR B 201 -6.05 -7.20 -20.52
CA TYR B 201 -6.84 -8.06 -21.40
C TYR B 201 -7.44 -7.28 -22.57
N ARG B 202 -8.04 -6.13 -22.27
CA ARG B 202 -8.71 -5.30 -23.28
C ARG B 202 -7.76 -4.68 -24.30
N GLU B 203 -6.53 -4.38 -23.87
CA GLU B 203 -5.52 -3.90 -24.79
C GLU B 203 -5.12 -5.03 -25.72
N ALA B 204 -5.00 -6.23 -25.17
CA ALA B 204 -4.61 -7.42 -25.93
C ALA B 204 -5.75 -8.00 -26.77
N LYS B 205 -6.92 -7.37 -26.69
CA LYS B 205 -8.02 -7.63 -27.62
C LYS B 205 -7.95 -6.66 -28.82
N GLU B 206 -8.15 -5.37 -28.56
CA GLU B 206 -8.02 -4.32 -29.57
C GLU B 206 -6.77 -4.49 -30.42
N GLN B 207 -5.73 -5.06 -29.83
CA GLN B 207 -4.50 -5.33 -30.55
C GLN B 207 -4.67 -6.53 -31.47
N ILE B 208 -5.19 -7.65 -30.96
CA ILE B 208 -5.37 -8.82 -31.81
C ILE B 208 -6.60 -8.70 -32.72
N ARG B 209 -7.35 -7.59 -32.58
CA ARG B 209 -8.34 -7.20 -33.59
C ARG B 209 -7.61 -6.56 -34.75
N LYS B 210 -6.76 -5.58 -34.44
CA LYS B 210 -6.03 -4.83 -35.45
C LYS B 210 -4.58 -5.32 -35.63
N ILE B 211 -4.39 -6.64 -35.73
CA ILE B 211 -3.08 -7.22 -36.10
C ILE B 211 -2.74 -6.92 -37.56
N ASP B 212 -3.79 -6.73 -38.35
CA ASP B 212 -3.73 -6.31 -39.76
C ASP B 212 -3.05 -4.95 -39.90
N ARG B 213 -3.25 -4.10 -38.90
CA ARG B 213 -2.80 -2.71 -38.97
C ARG B 213 -1.49 -2.54 -38.19
N ALA B 214 -0.44 -3.28 -38.56
CA ALA B 214 0.83 -3.23 -37.82
C ALA B 214 2.04 -3.69 -38.63
N SER B 215 3.04 -2.82 -38.69
CA SER B 215 4.29 -3.14 -39.40
C SER B 215 4.90 -4.42 -38.85
N LYS B 216 5.51 -5.22 -39.72
CA LYS B 216 6.19 -6.45 -39.28
C LYS B 216 7.30 -6.18 -38.26
N ARG B 217 7.40 -4.92 -37.82
CA ARG B 217 8.25 -4.56 -36.68
C ARG B 217 7.49 -4.64 -35.36
N LYS B 218 6.49 -3.79 -35.19
CA LYS B 218 5.65 -3.80 -33.98
C LYS B 218 4.89 -5.13 -33.82
N ARG B 219 4.38 -5.65 -34.93
CA ARG B 219 3.66 -6.92 -34.95
C ARG B 219 4.56 -8.13 -34.59
N VAL B 220 5.85 -7.91 -34.39
CA VAL B 220 6.80 -9.00 -34.08
C VAL B 220 7.46 -8.89 -32.70
N MET B 221 7.70 -7.67 -32.23
CA MET B 221 8.14 -7.49 -30.84
C MET B 221 6.96 -7.66 -29.86
N LEU B 222 5.78 -7.16 -30.25
CA LEU B 222 4.54 -7.44 -29.53
C LEU B 222 4.10 -8.88 -29.72
N MET B 223 4.55 -9.52 -30.79
CA MET B 223 4.32 -10.96 -30.99
C MET B 223 5.10 -11.77 -29.97
N ARG B 224 6.16 -11.16 -29.45
CA ARG B 224 7.01 -11.80 -28.44
C ARG B 224 6.61 -11.44 -27.00
N GLU B 225 6.23 -10.19 -26.77
CA GLU B 225 5.67 -9.74 -25.49
C GLU B 225 4.26 -10.31 -25.22
N HIS B 226 3.53 -10.67 -26.27
CA HIS B 226 2.17 -11.19 -26.16
C HIS B 226 2.12 -12.64 -25.71
N LYS B 227 2.84 -13.52 -26.42
CA LYS B 227 2.88 -14.93 -26.01
C LYS B 227 3.61 -15.03 -24.68
N ALA B 228 3.09 -15.90 -23.81
CA ALA B 228 3.41 -15.94 -22.36
C ALA B 228 2.49 -15.03 -21.53
N LEU B 229 1.41 -14.52 -22.13
CA LEU B 229 0.39 -13.79 -21.39
C LEU B 229 -0.64 -14.73 -20.81
N LYS B 230 -1.03 -15.73 -21.59
CA LYS B 230 -2.04 -16.67 -21.12
C LYS B 230 -1.58 -17.30 -19.82
N THR B 231 -0.33 -17.77 -19.80
CA THR B 231 0.26 -18.32 -18.57
C THR B 231 0.08 -17.37 -17.38
N LEU B 232 0.65 -16.17 -17.45
CA LEU B 232 0.51 -15.20 -16.35
C LEU B 232 -0.94 -15.00 -15.87
N GLY B 233 -1.89 -15.01 -16.82
CA GLY B 233 -3.33 -14.93 -16.51
C GLY B 233 -3.79 -16.08 -15.67
N ILE B 234 -3.27 -17.27 -15.99
CA ILE B 234 -3.54 -18.47 -15.20
C ILE B 234 -2.95 -18.34 -13.78
N ILE B 235 -1.65 -18.15 -13.68
CA ILE B 235 -0.94 -17.85 -12.44
C ILE B 235 -1.76 -16.97 -11.50
N MET B 236 -2.05 -15.75 -11.95
CA MET B 236 -2.82 -14.79 -11.17
C MET B 236 -4.21 -15.34 -10.78
N GLY B 237 -4.87 -15.99 -11.75
CA GLY B 237 -6.21 -16.54 -11.53
C GLY B 237 -6.26 -17.46 -10.35
N VAL B 238 -5.46 -18.52 -10.41
CA VAL B 238 -5.27 -19.56 -9.40
C VAL B 238 -4.85 -19.02 -8.01
N PHE B 239 -3.84 -18.15 -8.01
CA PHE B 239 -3.45 -17.48 -6.78
C PHE B 239 -4.68 -16.90 -6.09
N THR B 240 -5.40 -16.03 -6.80
CA THR B 240 -6.69 -15.52 -6.31
C THR B 240 -7.62 -16.62 -5.77
N LEU B 241 -7.67 -17.73 -6.52
CA LEU B 241 -8.50 -18.87 -6.14
C LEU B 241 -8.16 -19.52 -4.81
N CYS B 242 -6.94 -19.32 -4.31
CA CYS B 242 -6.59 -19.87 -2.97
C CYS B 242 -6.63 -18.81 -1.84
N TRP B 243 -5.91 -17.74 -2.13
CA TRP B 243 -5.75 -16.72 -1.13
C TRP B 243 -6.98 -15.86 -0.90
N LEU B 244 -7.81 -15.63 -1.92
CA LEU B 244 -9.06 -14.91 -1.64
C LEU B 244 -9.99 -15.69 -0.70
N PRO B 245 -10.16 -17.01 -0.93
CA PRO B 245 -10.91 -17.77 0.06
C PRO B 245 -10.33 -17.56 1.46
N PHE B 246 -9.02 -17.86 1.62
CA PHE B 246 -8.48 -17.68 2.99
C PHE B 246 -8.76 -16.30 3.64
N PHE B 247 -8.63 -15.23 2.85
CA PHE B 247 -8.65 -13.85 3.35
C PHE B 247 -10.05 -13.31 3.61
N LEU B 248 -11.02 -13.85 2.89
CA LEU B 248 -12.42 -13.56 3.15
C LEU B 248 -12.84 -14.24 4.45
N VAL B 249 -12.54 -15.54 4.52
CA VAL B 249 -12.69 -16.27 5.80
C VAL B 249 -12.15 -15.41 6.95
N ASN B 250 -10.94 -14.90 6.78
CA ASN B 250 -10.26 -14.06 7.74
C ASN B 250 -10.99 -12.78 8.08
N ILE B 251 -11.63 -12.14 7.09
CA ILE B 251 -12.31 -10.86 7.37
C ILE B 251 -13.68 -11.00 8.05
N VAL B 252 -14.38 -12.11 7.78
CA VAL B 252 -15.63 -12.40 8.47
C VAL B 252 -15.40 -12.63 9.98
N ASN B 253 -14.30 -13.29 10.30
CA ASN B 253 -13.87 -13.55 11.67
C ASN B 253 -13.78 -12.32 12.58
N VAL B 254 -13.75 -11.14 11.97
CA VAL B 254 -13.62 -9.86 12.68
C VAL B 254 -15.01 -9.36 13.06
N PHE B 255 -16.00 -9.70 12.23
CA PHE B 255 -17.39 -9.34 12.45
C PHE B 255 -18.04 -10.26 13.47
N ASN B 256 -17.63 -11.53 13.45
CA ASN B 256 -18.20 -12.55 14.31
C ASN B 256 -17.34 -13.81 14.29
N ARG B 257 -16.65 -14.08 15.40
CA ARG B 257 -15.74 -15.22 15.50
C ARG B 257 -16.45 -16.59 15.38
N ASP B 258 -17.77 -16.59 15.61
CA ASP B 258 -18.60 -17.82 15.64
C ASP B 258 -19.24 -18.10 14.29
N LEU B 259 -18.79 -17.40 13.27
CA LEU B 259 -19.39 -17.51 11.95
C LEU B 259 -18.54 -18.39 11.01
N VAL B 260 -17.28 -18.60 11.40
CA VAL B 260 -16.35 -19.44 10.66
C VAL B 260 -15.82 -20.58 11.55
N PRO B 261 -16.02 -21.84 11.10
CA PRO B 261 -15.37 -22.99 11.73
C PRO B 261 -13.83 -22.85 11.77
N ASP B 262 -13.20 -23.47 12.77
CA ASP B 262 -11.76 -23.36 12.96
C ASP B 262 -11.00 -24.23 11.97
N TRP B 263 -11.65 -25.31 11.54
CA TRP B 263 -11.06 -26.26 10.61
C TRP B 263 -11.23 -25.80 9.15
N LEU B 264 -12.25 -24.96 8.91
CA LEU B 264 -12.42 -24.31 7.61
C LEU B 264 -11.32 -23.26 7.42
N PHE B 265 -11.02 -22.55 8.51
CA PHE B 265 -9.93 -21.59 8.55
C PHE B 265 -8.60 -22.26 8.24
N VAL B 266 -8.40 -23.45 8.80
CA VAL B 266 -7.17 -24.20 8.58
C VAL B 266 -7.14 -24.79 7.18
N ALA B 267 -8.31 -25.18 6.67
CA ALA B 267 -8.42 -25.68 5.29
C ALA B 267 -8.06 -24.61 4.24
N PHE B 268 -8.67 -23.44 4.36
CA PHE B 268 -8.45 -22.34 3.42
C PHE B 268 -7.04 -21.77 3.48
N ASN B 269 -6.37 -22.02 4.60
CA ASN B 269 -4.96 -21.70 4.73
C ASN B 269 -4.11 -22.73 4.02
N TRP B 270 -4.46 -24.00 4.12
CA TRP B 270 -3.70 -25.03 3.46
C TRP B 270 -4.01 -25.06 1.98
N LEU B 271 -5.10 -24.38 1.61
CA LEU B 271 -5.40 -24.10 0.22
C LEU B 271 -4.27 -23.23 -0.34
N GLY B 272 -4.14 -22.02 0.18
CA GLY B 272 -3.10 -21.08 -0.26
C GLY B 272 -1.68 -21.60 -0.14
N TYR B 273 -1.45 -22.48 0.81
CA TYR B 273 -0.16 -23.13 0.97
C TYR B 273 0.12 -24.02 -0.23
N ALA B 274 -0.91 -24.75 -0.67
CA ALA B 274 -0.77 -25.65 -1.80
C ALA B 274 -0.55 -24.89 -3.11
N ASN B 275 -0.97 -23.63 -3.15
CA ASN B 275 -0.76 -22.77 -4.31
C ASN B 275 0.72 -22.70 -4.71
N SER B 276 1.60 -22.83 -3.72
CA SER B 276 3.03 -22.79 -3.94
C SER B 276 3.54 -24.01 -4.67
N ALA B 277 2.70 -25.04 -4.75
CA ALA B 277 3.00 -26.22 -5.56
C ALA B 277 2.43 -26.08 -6.97
N MET B 278 1.28 -25.42 -7.08
CA MET B 278 0.60 -25.27 -8.37
C MET B 278 1.41 -24.49 -9.41
N ASN B 279 2.08 -23.43 -9.01
CA ASN B 279 2.84 -22.64 -9.98
C ASN B 279 3.84 -23.46 -10.82
N PRO B 280 4.72 -24.27 -10.18
CA PRO B 280 5.55 -25.14 -11.01
C PRO B 280 4.77 -26.04 -11.99
N ILE B 281 3.58 -26.49 -11.59
CA ILE B 281 2.75 -27.36 -12.44
C ILE B 281 2.12 -26.59 -13.60
N ILE B 282 1.85 -25.31 -13.38
CA ILE B 282 1.30 -24.46 -14.43
C ILE B 282 2.37 -24.08 -15.47
N TYR B 283 3.65 -24.29 -15.14
CA TYR B 283 4.74 -24.03 -16.09
C TYR B 283 4.95 -25.17 -17.10
N CYS B 284 4.37 -26.32 -16.83
CA CYS B 284 4.44 -27.44 -17.76
C CYS B 284 3.59 -27.18 -19.01
N ARG B 285 2.79 -26.12 -18.95
CA ARG B 285 2.00 -25.66 -20.10
C ARG B 285 2.86 -25.14 -21.24
N SER B 286 3.76 -24.20 -20.94
CA SER B 286 4.62 -23.57 -21.94
C SER B 286 5.67 -24.55 -22.47
N PRO B 287 5.80 -24.67 -23.83
CA PRO B 287 6.79 -25.58 -24.46
C PRO B 287 8.25 -25.18 -24.16
N ASP B 288 8.46 -23.89 -23.94
CA ASP B 288 9.73 -23.31 -23.48
C ASP B 288 10.14 -23.92 -22.12
N PHE B 289 9.19 -23.95 -21.18
CA PHE B 289 9.42 -24.53 -19.84
C PHE B 289 9.29 -26.05 -19.83
N ARG B 290 8.32 -26.58 -20.61
CA ARG B 290 8.04 -28.02 -20.69
C ARG B 290 9.23 -28.84 -21.16
N LYS B 291 9.87 -28.36 -22.22
CA LYS B 291 11.13 -28.94 -22.70
C LYS B 291 12.24 -28.81 -21.65
N ALA B 292 12.28 -27.65 -20.98
CA ALA B 292 13.26 -27.38 -19.91
C ALA B 292 13.03 -28.20 -18.62
N PHE B 293 11.88 -28.90 -18.55
CA PHE B 293 11.53 -29.75 -17.41
C PHE B 293 11.90 -31.23 -17.57
N LYS B 294 12.43 -31.57 -18.75
CA LYS B 294 12.78 -32.94 -19.11
C LYS B 294 14.30 -33.18 -19.30
N ARG B 295 15.11 -32.11 -19.21
CA ARG B 295 16.55 -32.20 -19.55
C ARG B 295 17.49 -32.36 -18.34
N LEU B 296 17.24 -31.62 -17.27
CA LEU B 296 17.97 -31.77 -16.01
C LEU B 296 17.26 -32.78 -15.08
N LEU B 297 15.93 -32.84 -15.17
CA LEU B 297 15.11 -33.88 -14.54
C LEU B 297 14.88 -35.07 -15.50
N ALA B 298 15.86 -35.98 -15.55
CA ALA B 298 15.82 -37.18 -16.41
C ALA B 298 16.63 -38.34 -15.82
O2 P32 C . 7.17 17.91 1.05
C10 P32 C . 8.01 16.89 0.62
N3 P32 C . 11.94 10.26 -3.49
C11 P32 C . 9.25 16.80 1.53
N2 P32 C . 9.87 18.07 1.93
C12 P32 C . 11.37 18.09 1.86
C15 P32 C . 11.99 17.36 3.06
C13 P32 C . 11.87 19.56 1.93
C9 P32 C . 7.26 15.55 0.70
O1 P32 C . 8.07 14.53 0.19
C4 P32 C . 7.62 13.20 0.16
C5 P32 C . 6.35 12.78 0.91
C6 P32 C . 5.88 11.32 0.87
C7 P32 C . 6.66 10.28 0.07
C8 P32 C . 7.92 10.70 -0.67
C3 P32 C . 8.41 12.15 -0.63
N1 P32 C . 8.87 9.92 -1.51
C1 P32 C . 9.94 10.86 -1.99
C2 P32 C . 9.64 12.25 -1.44
C16 P32 C . 11.05 10.51 -2.83
C14 P32 C . 11.89 17.47 0.53
O2 P32 D . -0.84 -18.32 5.44
C10 P32 D . -1.47 -17.37 6.27
N3 P32 D . -4.85 -10.69 11.09
C11 P32 D . -0.95 -17.38 7.72
N2 P32 D . -1.57 -18.46 8.54
C12 P32 D . -1.06 -18.70 9.93
C15 P32 D . 0.48 -18.69 10.08
C13 P32 D . -1.54 -20.11 10.35
C9 P32 D . -1.33 -15.95 5.70
O1 P32 D . -1.99 -15.00 6.52
C4 P32 D . -1.75 -13.62 6.34
C5 P32 D . -0.90 -13.12 5.18
C6 P32 D . -0.65 -11.61 4.99
C7 P32 D . -1.25 -10.59 5.95
C8 P32 D . -2.09 -11.12 7.10
C3 P32 D . -2.35 -12.61 7.30
N1 P32 D . -2.78 -10.39 8.17
C1 P32 D . -3.47 -11.39 9.04
C2 P32 D . -3.20 -12.78 8.49
C16 P32 D . -4.25 -11.06 10.20
C14 P32 D . -1.69 -17.59 10.81
C1 SOG E . 3.52 -2.39 -4.68
C2 SOG E . 2.97 -2.61 -6.11
C3 SOG E . 3.89 -2.08 -7.26
C4 SOG E . 5.15 -1.23 -6.88
C5 SOG E . 5.41 -1.05 -5.36
C6 SOG E . 6.27 0.24 -5.17
C1' SOG E . 2.43 -2.26 -1.99
C2' SOG E . 1.22 -2.37 -1.07
C3' SOG E . 1.31 -1.37 0.07
C4' SOG E . 0.35 -0.19 -0.12
C5' SOG E . -0.10 0.34 1.23
C6' SOG E . 0.12 1.86 1.33
C7' SOG E . -1.21 2.61 1.20
C8' SOG E . -1.11 3.97 1.88
S1 SOG E . 1.99 -2.74 -3.71
O2 SOG E . 2.72 -4.01 -6.29
O3 SOG E . 3.09 -1.30 -8.16
O4 SOG E . 6.33 -1.77 -7.49
O5 SOG E . 4.15 -1.07 -4.56
O6 SOG E . 7.49 0.20 -5.94
C1 SOG F . -16.25 -10.96 21.01
C2 SOG F . -17.09 -10.16 19.97
C3 SOG F . -18.37 -10.87 19.45
C4 SOG F . -18.40 -12.41 19.62
C5 SOG F . -17.50 -12.92 20.78
C6 SOG F . -17.45 -14.46 21.01
C1' SOG F . -13.28 -10.86 20.56
C2' SOG F . -11.91 -10.23 20.90
C3' SOG F . -11.45 -9.15 19.88
C4' SOG F . -11.39 -7.74 20.48
C5' SOG F . -10.74 -6.71 19.54
C6' SOG F . -11.35 -5.31 19.71
C7' SOG F . -10.91 -4.33 18.60
C8' SOG F . -11.87 -3.14 18.46
S1 SOG F . -14.67 -10.09 21.48
O2 SOG F . -17.47 -8.89 20.54
O3 SOG F . -18.53 -10.55 18.07
O4 SOG F . -19.77 -12.84 19.80
O5 SOG F . -16.15 -12.36 20.59
O6 SOG F . -17.68 -15.18 19.78
C1 SOG G . -4.61 0.23 18.21
C2 SOG G . -5.46 1.35 18.90
C3 SOG G . -6.35 0.80 20.02
C4 SOG G . -7.00 -0.55 19.64
C5 SOG G . -5.89 -1.57 19.32
C6 SOG G . -6.33 -3.05 19.25
C1' SOG G . -2.96 -0.47 16.06
C2' SOG G . -3.51 -1.39 14.96
C3' SOG G . -2.41 -2.16 14.23
C4' SOG G . -1.52 -1.20 13.44
C5' SOG G . -1.68 -1.42 11.93
C6' SOG G . -0.41 -1.99 11.29
C7' SOG G . -0.60 -3.49 10.99
C8' SOG G . -0.09 -3.85 9.60
S1 SOG G . -4.13 0.86 16.55
O2 SOG G . -4.61 2.37 19.46
O3 SOG G . -7.35 1.80 20.32
O4 SOG G . -7.84 -1.04 20.68
O5 SOG G . -5.26 -1.10 18.08
O6 SOG G . -7.53 -3.22 18.49
#